data_4D9O
#
_entry.id   4D9O
#
_cell.length_a   38.438
_cell.length_b   103.890
_cell.length_c   59.773
_cell.angle_alpha   90.000
_cell.angle_beta   93.940
_cell.angle_gamma   90.000
#
_symmetry.space_group_name_H-M   'P 1 21 1'
#
loop_
_entity.id
_entity.type
_entity.pdbx_description
1 polymer 'Membrane-associated protein VP24'
2 water water
#
_entity_poly.entity_id   1
_entity_poly.type   'polypeptide(L)'
_entity_poly.pdbx_seq_one_letter_code
;MAHHHHHHVDDDDKMVPPKKDMEKGVIFSDLCNFLITQTLQGWKVYWAGIEFDVSQKGMALLTRLKTNDFAPAWAMTRNL
FPHLFQNPNSVIQSPIWALRVILAAGLQDQLLDHSLVEPLTGALGLISDWLLTTTSTHFNLRTRSVKDQLSLRMLSLIRS
NILQFINKLDALHVVNYNGLLSSIEIGTSTHTIIITRTNMGFLVEVQEPDKSAMNSKRPGPVKFSLLHESAFKPFT
;
_entity_poly.pdbx_strand_id   A,B
#
# COMPACT_ATOMS: atom_id res chain seq x y z
N MET A 15 0.25 -12.96 27.67
CA MET A 15 1.69 -12.79 27.82
C MET A 15 2.26 -11.80 26.80
N VAL A 16 1.82 -11.90 25.56
CA VAL A 16 2.14 -10.92 24.53
C VAL A 16 0.84 -10.51 23.85
N PRO A 17 0.73 -9.23 23.43
CA PRO A 17 -0.46 -8.78 22.71
C PRO A 17 -0.97 -9.82 21.71
N PRO A 18 -2.27 -10.17 21.78
CA PRO A 18 -2.86 -11.09 20.81
C PRO A 18 -2.75 -10.58 19.36
N LYS A 19 -2.94 -11.48 18.40
CA LYS A 19 -2.89 -11.14 16.97
C LYS A 19 -3.70 -9.88 16.63
N LYS A 20 -4.93 -9.80 17.14
CA LYS A 20 -5.81 -8.65 16.91
C LYS A 20 -5.20 -7.34 17.43
N ASP A 21 -4.42 -7.39 18.50
CA ASP A 21 -3.83 -6.17 19.06
C ASP A 21 -2.63 -5.64 18.25
N MET A 22 -1.78 -6.55 17.78
CA MET A 22 -0.74 -6.20 16.81
C MET A 22 -1.37 -5.59 15.55
N GLU A 23 -2.38 -6.26 15.00
CA GLU A 23 -3.10 -5.70 13.84
C GLU A 23 -3.60 -4.28 14.11
N LYS A 24 -4.32 -4.09 15.22
CA LYS A 24 -4.82 -2.76 15.53
C LYS A 24 -3.71 -1.72 15.65
N GLY A 25 -2.57 -2.13 16.19
CA GLY A 25 -1.44 -1.21 16.29
C GLY A 25 -0.89 -0.81 14.93
N VAL A 26 -0.70 -1.79 14.06
CA VAL A 26 -0.23 -1.51 12.72
C VAL A 26 -1.19 -0.58 11.99
N ILE A 27 -2.49 -0.87 12.04
CA ILE A 27 -3.47 -0.01 11.36
C ILE A 27 -3.44 1.41 11.92
N PHE A 28 -3.33 1.51 13.24
CA PHE A 28 -3.20 2.81 13.89
C PHE A 28 -1.98 3.57 13.37
N SER A 29 -0.86 2.87 13.24
CA SER A 29 0.37 3.52 12.80
C SER A 29 0.25 4.01 11.35
N ASP A 30 -0.31 3.20 10.46
CA ASP A 30 -0.53 3.60 9.07
C ASP A 30 -1.49 4.79 8.93
N LEU A 31 -2.58 4.77 9.68
CA LEU A 31 -3.57 5.83 9.47
C LEU A 31 -3.28 7.11 10.22
N CYS A 32 -2.56 7.01 11.34
CA CYS A 32 -2.37 8.16 12.21
C CYS A 32 -0.96 8.75 12.16
N ASN A 33 -0.17 8.28 11.20
CA ASN A 33 1.09 8.95 10.88
C ASN A 33 1.09 9.37 9.42
N PHE A 34 1.33 10.65 9.19
CA PHE A 34 1.49 11.19 7.85
C PHE A 34 3.00 11.42 7.68
N LEU A 35 3.68 10.44 7.09
CA LEU A 35 5.13 10.45 7.09
C LEU A 35 5.62 11.22 5.86
N ILE A 36 6.44 12.24 6.09
CA ILE A 36 6.95 13.10 5.03
C ILE A 36 8.47 13.05 4.98
N THR A 37 9.02 12.79 3.81
CA THR A 37 10.48 12.78 3.65
C THR A 37 10.90 13.64 2.46
N GLN A 38 12.12 14.15 2.51
CA GLN A 38 12.63 14.99 1.43
C GLN A 38 13.33 14.13 0.41
N THR A 39 13.07 14.41 -0.86
CA THR A 39 13.77 13.72 -1.94
C THR A 39 14.30 14.80 -2.84
N LEU A 40 15.07 14.41 -3.84
CA LEU A 40 15.64 15.39 -4.76
C LEU A 40 14.55 16.02 -5.63
N GLN A 41 13.40 15.36 -5.72
CA GLN A 41 12.34 15.81 -6.62
C GLN A 41 11.23 16.56 -5.89
N GLY A 42 11.21 16.45 -4.58
CA GLY A 42 10.23 17.12 -3.76
C GLY A 42 10.09 16.36 -2.45
N TRP A 43 8.91 15.80 -2.21
CA TRP A 43 8.71 14.99 -1.03
C TRP A 43 8.21 13.63 -1.43
N LYS A 44 8.48 12.64 -0.58
CA LYS A 44 7.77 11.37 -0.65
C LYS A 44 6.97 11.28 0.63
N VAL A 45 5.67 11.05 0.49
CA VAL A 45 4.76 10.93 1.61
C VAL A 45 4.32 9.47 1.71
N TYR A 46 4.08 9.02 2.94
CA TYR A 46 3.62 7.66 3.19
C TYR A 46 2.52 7.75 4.22
N TRP A 47 1.32 7.31 3.84
CA TRP A 47 0.15 7.33 4.71
C TRP A 47 -0.82 6.22 4.29
N ALA A 48 -1.37 5.47 5.24
CA ALA A 48 -2.27 4.36 4.90
C ALA A 48 -1.58 3.27 4.06
N GLY A 49 -0.26 3.16 4.18
CA GLY A 49 0.45 2.18 3.39
C GLY A 49 0.53 2.58 1.92
N ILE A 50 0.27 3.84 1.62
CA ILE A 50 0.35 4.34 0.25
C ILE A 50 1.47 5.38 0.13
N GLU A 51 2.29 5.28 -0.94
CA GLU A 51 3.33 6.29 -1.21
C GLU A 51 2.84 7.33 -2.21
N PHE A 52 3.18 8.59 -1.97
CA PHE A 52 2.89 9.69 -2.89
C PHE A 52 4.18 10.49 -3.15
N ASP A 53 4.56 10.68 -4.39
CA ASP A 53 5.62 11.62 -4.68
C ASP A 53 5.05 12.99 -5.05
N VAL A 54 5.34 13.98 -4.21
CA VAL A 54 4.79 15.31 -4.32
C VAL A 54 5.86 16.29 -4.78
N SER A 55 5.59 16.99 -5.87
CA SER A 55 6.52 18.04 -6.29
C SER A 55 6.47 19.24 -5.35
N GLN A 56 7.63 19.86 -5.15
CA GLN A 56 7.77 21.06 -4.33
C GLN A 56 7.59 22.31 -5.17
N LYS A 57 7.46 22.13 -6.48
CA LYS A 57 7.42 23.24 -7.42
C LYS A 57 6.02 23.86 -7.56
N GLY A 58 5.91 24.95 -8.31
CA GLY A 58 4.62 25.51 -8.64
C GLY A 58 4.16 26.67 -7.78
N MET A 59 4.86 26.92 -6.67
CA MET A 59 4.48 27.99 -5.75
C MET A 59 4.77 29.39 -6.31
N ALA A 60 5.80 29.49 -7.13
CA ALA A 60 6.13 30.75 -7.78
C ALA A 60 4.99 31.20 -8.68
N LEU A 61 4.49 30.29 -9.50
CA LEU A 61 3.34 30.61 -10.36
C LEU A 61 2.23 31.24 -9.53
N LEU A 62 1.78 30.51 -8.52
CA LEU A 62 0.70 30.97 -7.64
C LEU A 62 0.98 32.34 -7.01
N THR A 63 2.20 32.53 -6.55
CA THR A 63 2.56 33.75 -5.83
C THR A 63 2.60 34.93 -6.78
N ARG A 64 2.88 34.66 -8.05
CA ARG A 64 2.92 35.70 -9.06
C ARG A 64 1.49 36.08 -9.42
N LEU A 65 0.68 35.08 -9.77
CA LEU A 65 -0.70 35.30 -10.18
C LEU A 65 -1.43 36.11 -9.14
N LYS A 66 -1.02 35.92 -7.89
CA LYS A 66 -1.68 36.54 -6.75
C LYS A 66 -1.24 38.01 -6.61
N THR A 67 -0.47 38.49 -7.58
CA THR A 67 -0.01 39.88 -7.57
C THR A 67 0.67 40.28 -8.89
N ALA A 75 -4.62 37.48 -16.27
CA ALA A 75 -4.82 36.30 -17.10
C ALA A 75 -6.28 35.82 -17.02
N MET A 76 -6.55 34.68 -17.63
CA MET A 76 -7.84 34.01 -17.49
C MET A 76 -7.88 33.32 -16.13
N THR A 77 -6.70 32.97 -15.61
CA THR A 77 -6.63 32.27 -14.34
C THR A 77 -6.92 33.22 -13.18
N ARG A 78 -6.30 34.39 -13.20
CA ARG A 78 -6.50 35.38 -12.15
C ARG A 78 -7.97 35.77 -11.99
N ASN A 79 -8.66 36.00 -13.10
CA ASN A 79 -10.08 36.33 -13.05
C ASN A 79 -10.98 35.11 -12.86
N LEU A 80 -10.51 33.94 -13.29
CA LEU A 80 -11.26 32.71 -13.07
C LEU A 80 -11.36 32.39 -11.58
N PHE A 81 -10.28 32.68 -10.83
CA PHE A 81 -10.23 32.48 -9.39
C PHE A 81 -9.85 33.75 -8.64
N PRO A 82 -10.76 34.74 -8.65
CA PRO A 82 -10.52 36.03 -8.00
C PRO A 82 -10.44 35.90 -6.48
N HIS A 83 -11.21 34.98 -5.92
CA HIS A 83 -11.19 34.74 -4.48
C HIS A 83 -9.82 34.25 -4.02
N LEU A 84 -9.07 33.65 -4.94
CA LEU A 84 -7.72 33.19 -4.61
C LEU A 84 -6.70 34.21 -5.03
N PHE A 85 -6.83 34.69 -6.27
CA PHE A 85 -5.77 35.48 -6.88
C PHE A 85 -5.95 37.00 -6.73
N GLN A 86 -7.19 37.44 -6.55
CA GLN A 86 -7.48 38.86 -6.37
C GLN A 86 -8.09 39.08 -4.99
N ASN A 87 -7.45 38.51 -3.98
CA ASN A 87 -7.97 38.53 -2.63
C ASN A 87 -6.80 38.61 -1.67
N PRO A 88 -6.60 39.79 -1.07
CA PRO A 88 -5.44 39.97 -0.20
C PRO A 88 -5.47 39.04 1.01
N ASN A 89 -6.57 38.32 1.20
CA ASN A 89 -6.74 37.47 2.38
C ASN A 89 -6.77 35.97 2.09
N SER A 90 -6.44 35.59 0.86
CA SER A 90 -6.24 34.18 0.54
C SER A 90 -4.84 33.85 1.00
N VAL A 91 -4.58 32.59 1.31
CA VAL A 91 -3.26 32.20 1.78
C VAL A 91 -2.75 30.95 1.05
N ILE A 92 -1.57 31.06 0.46
CA ILE A 92 -1.01 29.97 -0.32
C ILE A 92 -0.37 28.95 0.60
N GLN A 93 -0.73 27.69 0.41
CA GLN A 93 -0.20 26.60 1.22
C GLN A 93 0.76 25.79 0.38
N SER A 94 1.40 24.82 1.03
CA SER A 94 2.32 23.93 0.35
C SER A 94 1.56 22.87 -0.42
N PRO A 95 2.25 22.20 -1.36
CA PRO A 95 1.65 21.04 -2.04
C PRO A 95 1.36 19.89 -1.08
N ILE A 96 2.14 19.76 -0.01
CA ILE A 96 1.84 18.75 1.01
C ILE A 96 0.45 18.98 1.60
N TRP A 97 0.18 20.24 1.94
CA TRP A 97 -1.14 20.63 2.40
C TRP A 97 -2.20 20.24 1.37
N ALA A 98 -1.92 20.50 0.10
CA ALA A 98 -2.88 20.15 -0.96
C ALA A 98 -3.20 18.66 -0.92
N LEU A 99 -2.16 17.83 -0.76
CA LEU A 99 -2.34 16.38 -0.75
C LEU A 99 -3.16 15.97 0.46
N ARG A 100 -2.84 16.57 1.61
CA ARG A 100 -3.56 16.30 2.84
C ARG A 100 -5.04 16.61 2.65
N VAL A 101 -5.33 17.73 1.99
CA VAL A 101 -6.71 18.15 1.79
C VAL A 101 -7.39 17.18 0.85
N ILE A 102 -6.69 16.77 -0.20
CA ILE A 102 -7.29 15.79 -1.10
C ILE A 102 -7.63 14.47 -0.40
N LEU A 103 -6.71 13.97 0.44
CA LEU A 103 -6.98 12.76 1.21
C LEU A 103 -8.15 12.96 2.19
N ALA A 104 -8.12 14.07 2.93
CA ALA A 104 -9.25 14.44 3.81
C ALA A 104 -10.59 14.39 3.05
N ALA A 105 -10.60 14.96 1.84
CA ALA A 105 -11.81 15.02 1.01
C ALA A 105 -12.25 13.64 0.61
N GLY A 106 -11.29 12.78 0.23
CA GLY A 106 -11.63 11.42 -0.13
C GLY A 106 -12.28 10.69 1.04
N LEU A 107 -11.76 10.93 2.25
CA LEU A 107 -12.33 10.30 3.45
C LEU A 107 -13.75 10.81 3.74
N GLN A 108 -13.96 12.12 3.60
CA GLN A 108 -15.32 12.67 3.73
C GLN A 108 -16.26 12.06 2.70
N ASP A 109 -15.74 11.89 1.49
CA ASP A 109 -16.54 11.31 0.41
C ASP A 109 -16.95 9.90 0.83
N GLN A 110 -16.03 9.19 1.48
CA GLN A 110 -16.32 7.83 1.90
C GLN A 110 -17.34 7.82 3.02
N LEU A 111 -17.16 8.72 3.97
CA LEU A 111 -18.00 8.66 5.17
C LEU A 111 -19.43 9.09 4.85
N LEU A 112 -19.59 9.89 3.80
CA LEU A 112 -20.94 10.25 3.37
C LEU A 112 -21.75 9.08 2.75
N ASP A 113 -21.06 8.02 2.33
CA ASP A 113 -21.71 6.85 1.74
C ASP A 113 -22.11 5.81 2.82
N HIS A 114 -21.64 6.01 4.04
CA HIS A 114 -21.96 5.11 5.15
C HIS A 114 -22.88 5.75 6.14
N SER A 115 -23.21 4.98 7.17
CA SER A 115 -24.10 5.40 8.24
C SER A 115 -23.31 5.51 9.53
N LEU A 116 -23.76 6.37 10.44
CA LEU A 116 -23.07 6.62 11.71
C LEU A 116 -22.87 5.36 12.54
N VAL A 117 -23.62 4.31 12.25
CA VAL A 117 -23.61 3.09 13.06
C VAL A 117 -22.30 2.31 12.96
N GLU A 118 -21.35 2.81 12.18
CA GLU A 118 -20.09 2.11 11.99
C GLU A 118 -18.91 2.82 12.64
N PRO A 119 -18.02 2.04 13.27
CA PRO A 119 -16.74 2.53 13.82
C PRO A 119 -15.95 3.23 12.72
N LEU A 120 -16.06 2.69 11.51
CA LEU A 120 -15.42 3.27 10.34
C LEU A 120 -15.82 4.73 10.14
N THR A 121 -17.05 5.08 10.50
CA THR A 121 -17.50 6.47 10.35
C THR A 121 -16.81 7.45 11.30
N GLY A 122 -16.71 7.06 12.56
CA GLY A 122 -16.01 7.87 13.55
C GLY A 122 -14.56 8.03 13.14
N ALA A 123 -13.93 6.92 12.76
CA ALA A 123 -12.53 6.95 12.36
C ALA A 123 -12.31 7.82 11.11
N LEU A 124 -13.07 7.59 10.06
CA LEU A 124 -12.96 8.39 8.85
C LEU A 124 -13.08 9.87 9.20
N GLY A 125 -14.03 10.19 10.08
CA GLY A 125 -14.25 11.57 10.44
C GLY A 125 -13.08 12.21 11.17
N LEU A 126 -12.60 11.55 12.22
CA LEU A 126 -11.47 12.05 12.99
C LEU A 126 -10.19 12.18 12.16
N ILE A 127 -9.88 11.14 11.39
CA ILE A 127 -8.69 11.17 10.54
C ILE A 127 -8.80 12.28 9.52
N SER A 128 -9.97 12.40 8.91
CA SER A 128 -10.19 13.47 7.95
C SER A 128 -10.01 14.87 8.58
N ASP A 129 -10.59 15.09 9.76
CA ASP A 129 -10.41 16.35 10.49
C ASP A 129 -8.93 16.60 10.77
N TRP A 130 -8.22 15.57 11.21
CA TRP A 130 -6.79 15.70 11.47
C TRP A 130 -6.02 16.13 10.21
N LEU A 131 -6.24 15.43 9.10
CA LEU A 131 -5.48 15.71 7.88
C LEU A 131 -5.83 17.12 7.39
N LEU A 132 -7.12 17.44 7.44
CA LEU A 132 -7.63 18.68 6.88
C LEU A 132 -7.24 19.92 7.68
N THR A 133 -7.36 19.86 9.01
CA THR A 133 -7.29 21.08 9.80
C THR A 133 -5.99 21.29 10.57
N THR A 134 -5.14 20.26 10.64
CA THR A 134 -3.88 20.41 11.34
C THR A 134 -2.73 20.10 10.41
N THR A 135 -1.53 20.49 10.82
CA THR A 135 -0.32 20.18 10.07
C THR A 135 0.49 19.08 10.76
N SER A 136 0.03 18.59 11.91
CA SER A 136 0.82 17.61 12.63
C SER A 136 0.98 16.35 11.81
N THR A 137 2.12 15.69 11.94
CA THR A 137 2.43 14.46 11.20
C THR A 137 2.08 13.19 11.97
N HIS A 138 1.69 13.33 13.21
CA HIS A 138 1.20 12.21 13.99
C HIS A 138 -0.11 12.64 14.58
N PHE A 139 -1.09 11.75 14.55
CA PHE A 139 -2.41 12.06 15.07
C PHE A 139 -2.56 11.38 16.41
N ASN A 140 -2.60 12.16 17.47
CA ASN A 140 -2.69 11.57 18.80
C ASN A 140 -4.12 11.16 19.08
N LEU A 141 -4.45 9.93 18.67
CA LEU A 141 -5.79 9.42 18.83
C LEU A 141 -5.90 8.73 20.18
N ARG A 142 -6.54 9.38 21.14
CA ARG A 142 -6.67 8.86 22.50
C ARG A 142 -8.11 8.54 22.87
N THR A 143 -8.91 8.16 21.87
CA THR A 143 -10.22 7.62 22.13
C THR A 143 -10.10 6.11 22.01
N ARG A 144 -9.84 5.44 23.12
CA ARG A 144 -9.73 4.00 23.12
C ARG A 144 -10.83 3.39 22.25
N SER A 145 -12.05 3.90 22.44
CA SER A 145 -13.20 3.49 21.63
C SER A 145 -12.85 3.28 20.16
N VAL A 146 -12.35 4.33 19.52
CA VAL A 146 -12.09 4.28 18.07
C VAL A 146 -10.87 3.44 17.71
N LYS A 147 -9.79 3.57 18.50
CA LYS A 147 -8.57 2.80 18.26
C LYS A 147 -8.85 1.31 18.28
N ASP A 148 -9.72 0.88 19.20
CA ASP A 148 -9.98 -0.54 19.38
C ASP A 148 -10.74 -1.16 18.22
N GLN A 149 -11.28 -0.30 17.35
CA GLN A 149 -12.01 -0.76 16.19
C GLN A 149 -11.28 -0.51 14.85
N LEU A 150 -9.97 -0.24 14.91
CA LEU A 150 -9.20 -0.11 13.67
C LEU A 150 -8.81 -1.52 13.24
N SER A 151 -9.02 -1.85 11.97
CA SER A 151 -8.79 -3.22 11.53
C SER A 151 -8.22 -3.20 10.13
N LEU A 152 -7.73 -4.34 9.68
CA LEU A 152 -7.19 -4.47 8.33
C LEU A 152 -8.34 -4.33 7.31
N ARG A 153 -9.52 -4.85 7.63
CA ARG A 153 -10.70 -4.64 6.79
CA ARG A 153 -10.69 -4.66 6.78
C ARG A 153 -10.96 -3.16 6.57
N MET A 154 -10.95 -2.41 7.67
CA MET A 154 -11.23 -0.99 7.56
C MET A 154 -10.16 -0.27 6.73
N LEU A 155 -8.89 -0.59 6.99
CA LEU A 155 -7.80 0.07 6.26
C LEU A 155 -7.88 -0.27 4.79
N SER A 156 -8.26 -1.49 4.48
CA SER A 156 -8.41 -1.92 3.10
C SER A 156 -9.50 -1.10 2.38
N LEU A 157 -10.63 -0.93 3.06
CA LEU A 157 -11.71 -0.10 2.51
C LEU A 157 -11.24 1.34 2.30
N ILE A 158 -10.47 1.85 3.24
CA ILE A 158 -9.97 3.21 3.11
C ILE A 158 -9.06 3.35 1.91
N ARG A 159 -8.14 2.41 1.75
CA ARG A 159 -7.19 2.46 0.63
C ARG A 159 -7.92 2.36 -0.70
N SER A 160 -8.87 1.44 -0.77
CA SER A 160 -9.69 1.27 -1.97
C SER A 160 -10.39 2.54 -2.38
N ASN A 161 -11.03 3.16 -1.40
CA ASN A 161 -11.77 4.37 -1.68
CA ASN A 161 -11.76 4.41 -1.64
C ASN A 161 -10.88 5.58 -2.01
N ILE A 162 -9.73 5.71 -1.36
CA ILE A 162 -8.79 6.76 -1.71
C ILE A 162 -8.30 6.58 -3.15
N LEU A 163 -7.97 5.35 -3.56
CA LEU A 163 -7.55 5.19 -4.96
C LEU A 163 -8.72 5.46 -5.92
N GLN A 164 -9.91 5.05 -5.53
CA GLN A 164 -11.10 5.36 -6.35
C GLN A 164 -11.29 6.89 -6.51
N PHE A 165 -11.12 7.62 -5.41
CA PHE A 165 -11.24 9.07 -5.41
C PHE A 165 -10.14 9.72 -6.26
N ILE A 166 -8.92 9.23 -6.15
CA ILE A 166 -7.84 9.77 -6.97
C ILE A 166 -8.10 9.51 -8.45
N ASN A 167 -8.75 8.40 -8.76
CA ASN A 167 -9.14 8.15 -10.13
C ASN A 167 -10.28 9.06 -10.60
N LYS A 168 -11.16 9.46 -9.69
CA LYS A 168 -12.21 10.42 -10.06
C LYS A 168 -11.56 11.76 -10.39
N LEU A 169 -10.56 12.13 -9.61
CA LEU A 169 -9.83 13.38 -9.84
C LEU A 169 -9.11 13.29 -11.17
N ASP A 170 -8.47 12.15 -11.42
CA ASP A 170 -7.71 12.01 -12.65
C ASP A 170 -8.60 12.13 -13.88
N ALA A 171 -9.84 11.68 -13.80
CA ALA A 171 -10.75 11.75 -14.95
C ALA A 171 -11.41 13.12 -15.13
N LEU A 172 -11.03 14.10 -14.31
CA LEU A 172 -11.54 15.46 -14.51
C LEU A 172 -10.88 16.02 -15.76
N HIS A 173 -11.63 16.85 -16.47
CA HIS A 173 -11.08 17.56 -17.59
CA HIS A 173 -11.09 17.57 -17.60
C HIS A 173 -10.54 18.88 -17.03
N VAL A 174 -9.55 19.43 -17.71
CA VAL A 174 -9.05 20.75 -17.38
C VAL A 174 -10.17 21.76 -17.62
N VAL A 175 -10.31 22.74 -16.73
CA VAL A 175 -11.32 23.78 -16.89
C VAL A 175 -11.39 24.18 -18.36
N ASN A 176 -12.59 24.13 -18.97
CA ASN A 176 -12.72 24.44 -20.38
C ASN A 176 -14.02 25.15 -20.76
N TYR A 177 -14.05 25.63 -21.99
CA TYR A 177 -15.09 26.50 -22.52
C TYR A 177 -16.53 25.96 -22.42
N ASN A 178 -16.73 24.66 -22.67
CA ASN A 178 -18.10 24.15 -22.74
C ASN A 178 -18.48 23.34 -21.52
N GLY A 179 -17.80 23.62 -20.40
CA GLY A 179 -18.17 23.10 -19.10
C GLY A 179 -18.07 21.60 -18.87
N LEU A 180 -17.11 20.95 -19.50
CA LEU A 180 -16.84 19.54 -19.18
C LEU A 180 -16.41 19.46 -17.72
N LEU A 181 -16.84 18.42 -17.02
CA LEU A 181 -16.63 18.34 -15.57
C LEU A 181 -15.15 18.53 -15.19
N SER A 182 -14.86 19.59 -14.45
CA SER A 182 -13.49 19.97 -14.20
C SER A 182 -13.15 20.14 -12.73
N SER A 183 -14.12 19.93 -11.86
CA SER A 183 -13.81 20.02 -10.44
C SER A 183 -14.73 19.13 -9.65
N ILE A 184 -14.35 18.93 -8.40
CA ILE A 184 -15.12 18.17 -7.43
C ILE A 184 -15.22 19.05 -6.20
N GLU A 185 -16.40 19.07 -5.59
CA GLU A 185 -16.58 19.86 -4.38
C GLU A 185 -17.08 18.95 -3.27
N ILE A 186 -16.47 19.06 -2.09
CA ILE A 186 -16.83 18.26 -0.94
C ILE A 186 -17.12 19.19 0.23
N GLY A 187 -18.37 19.20 0.67
CA GLY A 187 -18.81 20.11 1.71
C GLY A 187 -19.02 19.44 3.05
N THR A 188 -18.43 20.04 4.07
CA THR A 188 -18.65 19.59 5.44
C THR A 188 -19.45 20.66 6.16
N SER A 189 -20.01 20.31 7.30
CA SER A 189 -20.64 21.27 8.19
C SER A 189 -19.68 22.43 8.46
N THR A 190 -18.39 22.14 8.43
CA THR A 190 -17.36 23.08 8.88
C THR A 190 -16.46 23.62 7.77
N HIS A 191 -16.31 22.87 6.68
CA HIS A 191 -15.44 23.30 5.61
C HIS A 191 -16.04 23.09 4.23
N THR A 192 -15.56 23.86 3.27
CA THR A 192 -15.83 23.55 1.88
C THR A 192 -14.50 23.33 1.17
N ILE A 193 -14.38 22.18 0.51
CA ILE A 193 -13.16 21.79 -0.22
C ILE A 193 -13.48 21.75 -1.72
N ILE A 194 -12.71 22.47 -2.52
CA ILE A 194 -12.92 22.41 -3.97
C ILE A 194 -11.62 22.02 -4.65
N ILE A 195 -11.69 21.00 -5.49
CA ILE A 195 -10.51 20.54 -6.22
C ILE A 195 -10.78 20.69 -7.70
N THR A 196 -9.95 21.48 -8.37
CA THR A 196 -10.18 21.83 -9.77
C THR A 196 -9.01 21.39 -10.65
N ARG A 197 -9.31 20.78 -11.79
CA ARG A 197 -8.25 20.39 -12.74
C ARG A 197 -7.81 21.57 -13.61
N THR A 198 -6.52 21.86 -13.57
CA THR A 198 -5.91 22.90 -14.41
C THR A 198 -4.74 22.29 -15.21
N ASN A 199 -4.21 23.07 -16.15
CA ASN A 199 -3.03 22.67 -16.91
C ASN A 199 -1.84 22.37 -16.00
N MET A 200 -1.85 22.96 -14.81
CA MET A 200 -0.75 22.79 -13.87
C MET A 200 -1.01 21.69 -12.84
N GLY A 201 -2.10 20.94 -13.02
CA GLY A 201 -2.44 19.91 -12.04
C GLY A 201 -3.66 20.33 -11.26
N PHE A 202 -3.77 19.92 -10.00
CA PHE A 202 -4.98 20.18 -9.25
C PHE A 202 -4.86 21.37 -8.32
N LEU A 203 -5.71 22.36 -8.53
CA LEU A 203 -5.84 23.51 -7.66
C LEU A 203 -6.78 23.14 -6.53
N VAL A 204 -6.29 23.24 -5.30
CA VAL A 204 -7.07 22.77 -4.16
C VAL A 204 -7.34 23.98 -3.28
N GLU A 205 -8.60 24.15 -2.88
CA GLU A 205 -8.96 25.27 -2.01
C GLU A 205 -9.86 24.85 -0.89
N VAL A 206 -9.74 25.54 0.24
CA VAL A 206 -10.57 25.31 1.40
C VAL A 206 -11.09 26.63 1.95
N GLN A 207 -12.41 26.70 2.09
CA GLN A 207 -13.09 27.87 2.68
C GLN A 207 -13.97 27.42 3.83
N GLU A 208 -14.17 28.30 4.79
CA GLU A 208 -15.13 28.06 5.86
C GLU A 208 -16.37 28.93 5.70
N VAL A 222 -9.66 32.19 2.96
CA VAL A 222 -9.52 31.04 2.07
C VAL A 222 -8.07 30.55 1.97
N LYS A 223 -7.88 29.23 1.94
CA LYS A 223 -6.53 28.66 1.77
C LYS A 223 -6.43 27.88 0.48
N PHE A 224 -5.29 27.94 -0.19
CA PHE A 224 -5.18 27.21 -1.44
C PHE A 224 -3.76 26.82 -1.84
N SER A 225 -3.68 25.85 -2.74
CA SER A 225 -2.41 25.45 -3.27
C SER A 225 -2.61 24.66 -4.56
N LEU A 226 -1.52 24.13 -5.09
CA LEU A 226 -1.54 23.37 -6.35
C LEU A 226 -0.76 22.07 -6.17
N LEU A 227 -1.38 20.95 -6.54
CA LEU A 227 -0.71 19.67 -6.53
C LEU A 227 -0.44 19.22 -7.95
N HIS A 228 0.83 19.11 -8.32
CA HIS A 228 1.18 18.68 -9.66
C HIS A 228 0.67 17.26 -9.88
N GLU A 229 0.11 17.00 -11.05
CA GLU A 229 -0.58 15.74 -11.31
C GLU A 229 0.30 14.49 -11.28
N SER A 230 1.62 14.65 -11.35
CA SER A 230 2.50 13.50 -11.34
C SER A 230 2.32 12.69 -10.05
N ALA A 231 1.89 13.37 -8.98
CA ALA A 231 1.72 12.66 -7.72
C ALA A 231 0.74 11.50 -7.87
N PHE A 232 -0.19 11.62 -8.82
CA PHE A 232 -1.25 10.61 -8.97
C PHE A 232 -0.99 9.65 -10.13
N LYS A 233 0.05 9.93 -10.90
CA LYS A 233 0.32 9.13 -12.10
C LYS A 233 0.48 7.62 -11.85
N PRO A 234 1.18 7.24 -10.77
CA PRO A 234 1.29 5.81 -10.48
C PRO A 234 -0.06 5.10 -10.25
N PHE A 235 -1.11 5.83 -9.87
CA PHE A 235 -2.39 5.19 -9.53
C PHE A 235 -3.39 5.13 -10.69
N THR A 236 -3.02 5.73 -11.82
CA THR A 236 -3.88 5.66 -13.00
C THR A 236 -3.90 4.22 -13.51
N LYS B 20 12.26 11.19 14.09
CA LYS B 20 13.16 10.10 13.69
C LYS B 20 12.68 8.77 14.27
N ASP B 21 12.27 8.82 15.53
CA ASP B 21 11.64 7.67 16.16
C ASP B 21 10.37 7.35 15.39
N MET B 22 9.63 8.40 15.03
CA MET B 22 8.38 8.23 14.29
C MET B 22 8.57 7.39 13.03
N GLU B 23 9.45 7.85 12.13
CA GLU B 23 9.66 7.17 10.85
C GLU B 23 10.01 5.70 11.09
N LYS B 24 10.98 5.49 11.95
CA LYS B 24 11.45 4.15 12.23
C LYS B 24 10.30 3.27 12.69
N GLY B 25 9.44 3.79 13.56
CA GLY B 25 8.34 2.99 14.08
C GLY B 25 7.29 2.68 13.00
N VAL B 26 7.04 3.67 12.14
CA VAL B 26 6.06 3.47 11.07
C VAL B 26 6.56 2.37 10.13
N ILE B 27 7.84 2.45 9.78
CA ILE B 27 8.43 1.50 8.86
C ILE B 27 8.47 0.12 9.47
N PHE B 28 8.83 0.07 10.76
CA PHE B 28 8.91 -1.19 11.46
C PHE B 28 7.51 -1.82 11.50
N SER B 29 6.50 -1.02 11.78
CA SER B 29 5.13 -1.56 11.89
C SER B 29 4.78 -2.27 10.60
N ASP B 30 5.10 -1.63 9.46
CA ASP B 30 4.79 -2.25 8.18
C ASP B 30 5.68 -3.41 7.73
N LEU B 31 6.97 -3.34 8.00
CA LEU B 31 7.90 -4.34 7.50
C LEU B 31 8.00 -5.56 8.38
N CYS B 32 7.87 -5.33 9.69
CA CYS B 32 8.04 -6.41 10.66
C CYS B 32 6.76 -7.00 11.21
N ASN B 33 5.65 -6.70 10.56
CA ASN B 33 4.41 -7.40 10.84
C ASN B 33 3.83 -7.95 9.56
N PHE B 34 3.31 -9.17 9.65
CA PHE B 34 2.72 -9.83 8.50
C PHE B 34 1.29 -10.12 8.90
N LEU B 35 0.38 -9.20 8.59
CA LEU B 35 -1.00 -9.31 9.07
C LEU B 35 -1.82 -10.27 8.23
N ILE B 36 -2.65 -11.06 8.90
CA ILE B 36 -3.52 -12.03 8.21
C ILE B 36 -4.90 -11.89 8.76
N THR B 37 -5.88 -11.75 7.88
CA THR B 37 -7.25 -11.68 8.35
C THR B 37 -8.02 -12.61 7.45
N GLN B 38 -9.03 -13.27 8.01
CA GLN B 38 -9.83 -14.20 7.22
C GLN B 38 -10.93 -13.44 6.49
N THR B 39 -11.11 -13.76 5.22
CA THR B 39 -12.18 -13.14 4.46
C THR B 39 -13.07 -14.24 3.93
N LEU B 40 -14.13 -13.87 3.24
CA LEU B 40 -15.05 -14.86 2.71
C LEU B 40 -14.42 -15.63 1.55
N GLN B 41 -13.42 -15.03 0.91
CA GLN B 41 -12.72 -15.66 -0.23
C GLN B 41 -11.46 -16.43 0.19
N GLY B 42 -10.99 -16.18 1.41
CA GLY B 42 -9.78 -16.82 1.89
C GLY B 42 -9.18 -15.93 2.94
N TRP B 43 -8.03 -15.32 2.64
CA TRP B 43 -7.36 -14.46 3.60
C TRP B 43 -6.96 -13.17 2.90
N LYS B 44 -6.87 -12.09 3.66
CA LYS B 44 -6.22 -10.88 3.19
C LYS B 44 -4.95 -10.74 4.02
N VAL B 45 -3.83 -10.48 3.35
CA VAL B 45 -2.55 -10.39 4.03
C VAL B 45 -2.05 -8.98 3.81
N TYR B 46 -1.36 -8.44 4.80
CA TYR B 46 -0.88 -7.07 4.68
C TYR B 46 0.54 -7.05 5.19
N TRP B 47 1.46 -6.67 4.31
CA TRP B 47 2.87 -6.59 4.68
C TRP B 47 3.57 -5.55 3.82
N ALA B 48 4.50 -4.81 4.41
CA ALA B 48 5.21 -3.73 3.70
C ALA B 48 4.26 -2.75 3.04
N GLY B 49 3.07 -2.57 3.62
CA GLY B 49 2.09 -1.66 3.04
C GLY B 49 1.40 -2.16 1.79
N ILE B 50 1.56 -3.44 1.47
CA ILE B 50 0.92 -4.03 0.30
C ILE B 50 -0.14 -5.04 0.75
N GLU B 51 -1.31 -5.03 0.12
CA GLU B 51 -2.35 -6.02 0.41
C GLU B 51 -2.29 -7.17 -0.58
N PHE B 52 -2.55 -8.38 -0.11
CA PHE B 52 -2.65 -9.54 -0.98
C PHE B 52 -3.90 -10.33 -0.62
N ASP B 53 -4.71 -10.68 -1.60
CA ASP B 53 -5.87 -11.53 -1.33
C ASP B 53 -5.53 -12.95 -1.75
N VAL B 54 -5.57 -13.85 -0.78
CA VAL B 54 -5.10 -15.22 -0.98
C VAL B 54 -6.34 -16.12 -0.97
N SER B 55 -6.59 -16.80 -2.09
CA SER B 55 -7.75 -17.68 -2.17
C SER B 55 -7.54 -18.98 -1.42
N GLN B 56 -8.62 -19.53 -0.87
CA GLN B 56 -8.55 -20.69 0.00
C GLN B 56 -8.56 -22.00 -0.78
N LYS B 57 -9.11 -21.97 -1.99
CA LYS B 57 -8.99 -23.10 -2.90
C LYS B 57 -7.50 -23.40 -3.06
N GLY B 58 -7.12 -24.67 -2.90
CA GLY B 58 -5.72 -25.02 -2.98
C GLY B 58 -5.40 -26.36 -2.37
N MET B 59 -5.11 -26.37 -1.07
CA MET B 59 -4.80 -27.61 -0.36
C MET B 59 -5.67 -28.76 -0.86
N ALA B 60 -6.89 -28.46 -1.26
CA ALA B 60 -7.82 -29.46 -1.80
C ALA B 60 -7.22 -30.17 -3.02
N LEU B 61 -6.93 -29.41 -4.07
CA LEU B 61 -6.42 -29.98 -5.31
C LEU B 61 -5.07 -30.67 -5.13
N LEU B 62 -4.16 -30.01 -4.43
CA LEU B 62 -2.82 -30.56 -4.18
C LEU B 62 -2.90 -31.88 -3.43
N THR B 63 -3.62 -31.87 -2.32
CA THR B 63 -3.71 -33.06 -1.48
C THR B 63 -4.45 -34.16 -2.25
N ARG B 64 -5.38 -33.74 -3.10
CA ARG B 64 -6.19 -34.65 -3.90
C ARG B 64 -5.30 -35.44 -4.85
N LEU B 65 -4.44 -34.73 -5.59
CA LEU B 65 -3.61 -35.40 -6.59
C LEU B 65 -2.26 -35.89 -6.04
N LYS B 66 -2.07 -35.78 -4.74
CA LYS B 66 -0.93 -36.38 -4.06
C LYS B 66 -0.95 -37.90 -4.23
N ALA B 75 -5.48 -33.53 -15.48
CA ALA B 75 -4.47 -32.82 -14.69
C ALA B 75 -3.18 -33.64 -14.55
N MET B 76 -2.32 -33.56 -15.57
CA MET B 76 -1.09 -34.35 -15.62
C MET B 76 0.08 -33.65 -14.94
N THR B 77 -0.16 -32.44 -14.43
CA THR B 77 0.88 -31.73 -13.70
C THR B 77 1.54 -32.62 -12.65
N ARG B 78 0.78 -33.58 -12.12
CA ARG B 78 1.31 -34.53 -11.14
C ARG B 78 2.60 -35.17 -11.63
N ASN B 79 2.56 -35.75 -12.83
CA ASN B 79 3.74 -36.39 -13.40
C ASN B 79 4.93 -35.46 -13.60
N LEU B 80 4.64 -34.17 -13.75
CA LEU B 80 5.71 -33.18 -13.91
C LEU B 80 6.44 -32.92 -12.59
N PHE B 81 5.79 -33.26 -11.47
CA PHE B 81 6.36 -33.01 -10.15
C PHE B 81 6.26 -34.22 -9.23
N PRO B 82 6.89 -35.34 -9.62
CA PRO B 82 6.81 -36.58 -8.84
C PRO B 82 7.42 -36.38 -7.45
N HIS B 83 8.44 -35.53 -7.38
CA HIS B 83 9.11 -35.24 -6.12
C HIS B 83 8.21 -34.50 -5.14
N LEU B 84 7.06 -34.02 -5.63
CA LEU B 84 6.07 -33.35 -4.77
C LEU B 84 4.85 -34.25 -4.52
N PHE B 85 4.31 -34.81 -5.59
CA PHE B 85 3.03 -35.52 -5.52
C PHE B 85 3.15 -37.02 -5.28
N GLN B 86 4.32 -37.56 -5.56
CA GLN B 86 4.56 -38.99 -5.36
C GLN B 86 5.76 -39.22 -4.44
N ASN B 87 5.79 -38.48 -3.33
CA ASN B 87 6.88 -38.55 -2.37
C ASN B 87 6.34 -38.45 -0.94
N PRO B 88 6.46 -39.56 -0.18
CA PRO B 88 5.91 -39.60 1.19
C PRO B 88 6.53 -38.51 2.07
N ASN B 89 7.69 -38.00 1.68
CA ASN B 89 8.39 -36.97 2.46
C ASN B 89 8.19 -35.56 1.92
N SER B 90 7.01 -35.29 1.35
CA SER B 90 6.68 -33.94 0.92
C SER B 90 5.53 -33.42 1.76
N VAL B 91 5.57 -32.14 2.13
CA VAL B 91 4.52 -31.58 2.98
C VAL B 91 3.83 -30.37 2.37
N ILE B 92 2.53 -30.52 2.13
CA ILE B 92 1.71 -29.43 1.64
C ILE B 92 1.50 -28.37 2.71
N GLN B 93 1.70 -27.13 2.32
CA GLN B 93 1.56 -25.98 3.21
C GLN B 93 0.35 -25.18 2.76
N SER B 94 -0.05 -24.20 3.56
CA SER B 94 -1.15 -23.33 3.20
C SER B 94 -0.72 -22.33 2.12
N PRO B 95 -1.70 -21.75 1.42
CA PRO B 95 -1.44 -20.70 0.44
C PRO B 95 -0.77 -19.51 1.09
N ILE B 96 -1.05 -19.26 2.36
CA ILE B 96 -0.38 -18.16 3.04
C ILE B 96 1.13 -18.44 3.06
N TRP B 97 1.49 -19.69 3.37
CA TRP B 97 2.88 -20.09 3.38
C TRP B 97 3.48 -19.80 2.02
N ALA B 98 2.75 -20.14 0.95
CA ALA B 98 3.21 -19.90 -0.41
C ALA B 98 3.52 -18.43 -0.64
N LEU B 99 2.58 -17.55 -0.26
CA LEU B 99 2.86 -16.10 -0.39
C LEU B 99 4.11 -15.68 0.38
N ARG B 100 4.23 -16.11 1.64
CA ARG B 100 5.38 -15.76 2.48
C ARG B 100 6.67 -16.18 1.78
N VAL B 101 6.68 -17.40 1.28
CA VAL B 101 7.87 -17.91 0.59
C VAL B 101 8.18 -17.03 -0.62
N ILE B 102 7.16 -16.65 -1.37
CA ILE B 102 7.39 -15.80 -2.52
C ILE B 102 7.99 -14.44 -2.15
N LEU B 103 7.47 -13.84 -1.08
CA LEU B 103 7.98 -12.54 -0.63
C LEU B 103 9.44 -12.65 -0.13
N ALA B 104 9.70 -13.69 0.64
CA ALA B 104 11.05 -14.02 1.06
C ALA B 104 11.96 -14.13 -0.16
N ALA B 105 11.46 -14.78 -1.22
CA ALA B 105 12.26 -14.96 -2.43
C ALA B 105 12.54 -13.63 -3.09
N GLY B 106 11.54 -12.75 -3.10
CA GLY B 106 11.73 -11.44 -3.69
C GLY B 106 12.82 -10.69 -2.95
N LEU B 107 12.78 -10.81 -1.63
CA LEU B 107 13.78 -10.16 -0.80
C LEU B 107 15.16 -10.72 -1.11
N GLN B 108 15.29 -12.05 -1.09
CA GLN B 108 16.55 -12.68 -1.46
C GLN B 108 17.03 -12.20 -2.81
N ASP B 109 16.09 -11.93 -3.70
CA ASP B 109 16.44 -11.48 -5.03
C ASP B 109 17.01 -10.06 -5.05
N GLN B 110 16.50 -9.19 -4.17
CA GLN B 110 17.11 -7.86 -4.02
C GLN B 110 18.44 -7.95 -3.30
N LEU B 111 18.59 -8.95 -2.42
CA LEU B 111 19.79 -9.12 -1.63
C LEU B 111 21.03 -9.25 -2.51
N LEU B 112 20.81 -9.75 -3.73
CA LEU B 112 21.89 -9.87 -4.69
C LEU B 112 22.31 -8.50 -5.17
N ASP B 113 22.69 -7.63 -4.23
CA ASP B 113 22.97 -6.24 -4.54
C ASP B 113 23.22 -5.39 -3.30
N GLU B 118 24.95 -2.86 2.12
CA GLU B 118 25.76 -3.85 2.83
C GLU B 118 25.39 -4.02 4.31
N PRO B 119 25.16 -2.91 5.03
CA PRO B 119 24.71 -3.03 6.43
C PRO B 119 23.21 -3.31 6.45
N LEU B 120 22.52 -2.83 5.43
CA LEU B 120 21.11 -3.09 5.23
C LEU B 120 20.90 -4.51 4.69
N THR B 121 21.95 -5.05 4.06
CA THR B 121 21.91 -6.40 3.51
C THR B 121 21.49 -7.41 4.57
N GLY B 122 21.96 -7.20 5.80
CA GLY B 122 21.65 -8.09 6.91
C GLY B 122 20.23 -7.94 7.40
N ALA B 123 19.66 -6.75 7.25
CA ALA B 123 18.28 -6.50 7.61
C ALA B 123 17.35 -7.23 6.65
N LEU B 124 17.51 -6.97 5.36
CA LEU B 124 16.85 -7.76 4.32
C LEU B 124 17.00 -9.26 4.58
N GLY B 125 18.21 -9.70 4.92
CA GLY B 125 18.43 -11.10 5.22
C GLY B 125 17.57 -11.58 6.36
N LEU B 126 17.53 -10.83 7.45
CA LEU B 126 16.79 -11.25 8.63
C LEU B 126 15.28 -11.31 8.36
N ILE B 127 14.77 -10.30 7.67
CA ILE B 127 13.34 -10.26 7.37
C ILE B 127 12.98 -11.39 6.41
N SER B 128 13.81 -11.60 5.41
CA SER B 128 13.61 -12.70 4.48
C SER B 128 13.54 -14.02 5.25
N ASP B 129 14.51 -14.24 6.13
CA ASP B 129 14.57 -15.46 6.94
C ASP B 129 13.31 -15.64 7.77
N TRP B 130 12.89 -14.55 8.41
CA TRP B 130 11.67 -14.57 9.22
C TRP B 130 10.44 -14.98 8.39
N LEU B 131 10.33 -14.43 7.19
CA LEU B 131 9.20 -14.77 6.33
C LEU B 131 9.27 -16.24 5.91
N LEU B 132 10.46 -16.66 5.49
CA LEU B 132 10.67 -18.00 4.96
C LEU B 132 10.44 -19.10 5.98
N THR B 133 11.11 -18.97 7.13
CA THR B 133 11.30 -20.11 8.02
C THR B 133 10.40 -20.13 9.25
N THR B 134 9.70 -19.04 9.53
CA THR B 134 8.83 -19.02 10.70
C THR B 134 7.41 -18.80 10.27
N THR B 135 6.49 -18.99 11.20
CA THR B 135 5.11 -18.65 10.93
C THR B 135 4.63 -17.50 11.82
N SER B 136 5.54 -16.88 12.57
CA SER B 136 5.13 -15.75 13.39
C SER B 136 4.69 -14.56 12.53
N THR B 137 3.66 -13.86 12.99
CA THR B 137 3.13 -12.71 12.28
C THR B 137 3.83 -11.45 12.73
N HIS B 138 4.78 -11.59 13.65
CA HIS B 138 5.47 -10.41 14.13
C HIS B 138 6.96 -10.68 14.25
N PHE B 139 7.76 -9.87 13.56
CA PHE B 139 9.19 -10.04 13.57
C PHE B 139 9.74 -9.47 14.86
N ASN B 140 10.52 -10.28 15.55
CA ASN B 140 11.09 -9.87 16.81
C ASN B 140 12.59 -9.63 16.70
N LEU B 141 13.38 -10.66 16.98
CA LEU B 141 14.85 -10.59 16.93
C LEU B 141 15.37 -10.16 15.56
N ARG B 142 16.19 -9.11 15.53
CA ARG B 142 16.69 -8.46 16.73
C ARG B 142 16.29 -6.98 16.81
N THR B 143 14.98 -6.75 16.82
CA THR B 143 14.37 -5.43 17.01
C THR B 143 15.23 -4.17 16.81
N ARG B 144 16.07 -3.79 17.79
CA ARG B 144 16.79 -2.51 17.67
C ARG B 144 17.82 -2.48 16.53
N SER B 145 18.59 -3.55 16.41
CA SER B 145 19.60 -3.69 15.37
C SER B 145 19.02 -3.37 13.99
N VAL B 146 18.03 -4.15 13.59
CA VAL B 146 17.36 -3.94 12.32
C VAL B 146 16.65 -2.59 12.29
N LYS B 147 16.01 -2.23 13.39
CA LYS B 147 15.14 -1.06 13.42
C LYS B 147 15.91 0.21 13.07
N ASP B 148 17.15 0.32 13.58
CA ASP B 148 17.93 1.52 13.32
C ASP B 148 18.21 1.76 11.83
N GLN B 149 18.09 0.73 11.01
CA GLN B 149 18.35 0.83 9.58
C GLN B 149 17.09 1.19 8.78
N LEU B 150 15.92 1.12 9.41
CA LEU B 150 14.66 1.30 8.68
C LEU B 150 14.36 2.75 8.26
N SER B 151 13.90 2.92 7.03
CA SER B 151 13.53 4.25 6.55
C SER B 151 12.48 4.13 5.46
N LEU B 152 11.83 5.25 5.17
CA LEU B 152 10.87 5.28 4.08
C LEU B 152 11.55 4.97 2.75
N ARG B 153 12.74 5.52 2.52
CA ARG B 153 13.46 5.29 1.27
C ARG B 153 13.68 3.80 1.07
N MET B 154 14.13 3.15 2.14
CA MET B 154 14.36 1.70 2.12
C MET B 154 13.08 0.91 1.90
N LEU B 155 12.00 1.30 2.59
CA LEU B 155 10.71 0.61 2.39
C LEU B 155 10.21 0.80 0.95
N SER B 156 10.39 1.98 0.40
CA SER B 156 10.00 2.25 -0.99
C SER B 156 10.76 1.36 -1.95
N LEU B 157 12.07 1.18 -1.71
CA LEU B 157 12.88 0.27 -2.52
C LEU B 157 12.40 -1.18 -2.42
N ILE B 158 12.10 -1.59 -1.20
CA ILE B 158 11.57 -2.92 -0.97
C ILE B 158 10.26 -3.14 -1.73
N ARG B 159 9.33 -2.20 -1.60
CA ARG B 159 8.04 -2.30 -2.27
C ARG B 159 8.21 -2.34 -3.81
N SER B 160 9.02 -1.45 -4.37
CA SER B 160 9.13 -1.45 -5.82
C SER B 160 9.80 -2.75 -6.30
N ASN B 161 10.78 -3.23 -5.55
CA ASN B 161 11.43 -4.51 -5.88
C ASN B 161 10.49 -5.72 -5.77
N ILE B 162 9.63 -5.72 -4.76
CA ILE B 162 8.61 -6.77 -4.64
C ILE B 162 7.65 -6.75 -5.84
N LEU B 163 7.20 -5.56 -6.25
CA LEU B 163 6.28 -5.48 -7.39
C LEU B 163 6.97 -5.97 -8.67
N GLN B 164 8.25 -5.62 -8.78
CA GLN B 164 9.04 -6.07 -9.92
C GLN B 164 9.12 -7.59 -9.96
N PHE B 165 9.44 -8.20 -8.82
CA PHE B 165 9.56 -9.65 -8.72
C PHE B 165 8.24 -10.32 -9.06
N ILE B 166 7.15 -9.71 -8.61
CA ILE B 166 5.83 -10.24 -8.92
C ILE B 166 5.61 -10.21 -10.42
N ASN B 167 6.00 -9.12 -11.06
CA ASN B 167 5.83 -9.03 -12.51
C ASN B 167 6.77 -9.99 -13.25
N LYS B 168 7.87 -10.35 -12.60
CA LYS B 168 8.79 -11.34 -13.14
C LYS B 168 8.10 -12.71 -13.08
N LEU B 169 7.38 -12.97 -12.00
CA LEU B 169 6.64 -14.21 -11.88
C LEU B 169 5.54 -14.25 -12.93
N ASP B 170 4.87 -13.12 -13.09
CA ASP B 170 3.82 -12.98 -14.08
C ASP B 170 4.33 -13.11 -15.50
N ALA B 171 5.62 -12.85 -15.69
CA ALA B 171 6.23 -12.92 -17.03
C ALA B 171 6.36 -14.37 -17.46
N LEU B 172 6.42 -15.28 -16.49
CA LEU B 172 6.63 -16.70 -16.75
C LEU B 172 5.57 -17.29 -17.66
N HIS B 173 5.97 -18.28 -18.44
CA HIS B 173 5.04 -18.99 -19.29
C HIS B 173 4.70 -20.35 -18.69
N VAL B 174 3.42 -20.67 -18.68
CA VAL B 174 3.00 -22.03 -18.42
C VAL B 174 3.39 -22.87 -19.63
N VAL B 175 4.15 -23.94 -19.40
CA VAL B 175 4.60 -24.78 -20.50
C VAL B 175 4.31 -26.25 -20.22
N ASN B 176 3.90 -26.97 -21.25
CA ASN B 176 3.56 -28.40 -21.17
C ASN B 176 4.50 -29.21 -20.28
N TYR B 177 5.78 -29.17 -20.63
CA TYR B 177 6.81 -29.92 -19.92
C TYR B 177 7.48 -29.05 -18.88
N ASN B 178 8.54 -29.57 -18.26
CA ASN B 178 9.23 -28.80 -17.23
C ASN B 178 9.79 -27.50 -17.79
N GLY B 179 10.69 -27.63 -18.76
CA GLY B 179 11.25 -26.47 -19.43
C GLY B 179 11.97 -25.53 -18.47
N LEU B 180 12.77 -24.66 -19.04
CA LEU B 180 13.60 -23.75 -18.26
C LEU B 180 12.88 -22.43 -18.02
N LEU B 181 11.89 -22.14 -18.85
CA LEU B 181 11.36 -20.79 -18.93
C LEU B 181 10.09 -20.57 -18.09
N SER B 182 9.69 -21.58 -17.33
CA SER B 182 8.44 -21.50 -16.58
C SER B 182 8.63 -21.39 -15.06
N SER B 183 9.88 -21.28 -14.59
CA SER B 183 10.11 -21.18 -13.15
C SER B 183 11.29 -20.27 -12.77
N ILE B 184 11.27 -19.83 -11.52
CA ILE B 184 12.38 -19.08 -10.92
C ILE B 184 12.92 -19.86 -9.73
N GLU B 185 14.24 -19.92 -9.57
CA GLU B 185 14.86 -20.57 -8.42
C GLU B 185 15.76 -19.60 -7.67
N ILE B 186 15.62 -19.54 -6.36
CA ILE B 186 16.51 -18.70 -5.57
C ILE B 186 17.07 -19.58 -4.47
N GLY B 187 18.37 -19.44 -4.19
CA GLY B 187 19.02 -20.35 -3.27
C GLY B 187 19.78 -19.72 -2.14
N THR B 188 19.17 -19.65 -0.96
CA THR B 188 19.85 -19.16 0.22
C THR B 188 21.00 -20.11 0.55
N SER B 189 21.69 -19.84 1.66
CA SER B 189 22.74 -20.73 2.13
C SER B 189 22.12 -21.99 2.70
N THR B 190 20.87 -21.87 3.16
CA THR B 190 20.22 -22.92 3.91
C THR B 190 18.95 -23.46 3.24
N HIS B 191 18.59 -22.91 2.09
CA HIS B 191 17.34 -23.28 1.43
C HIS B 191 17.38 -23.05 -0.07
N THR B 192 16.55 -23.80 -0.80
CA THR B 192 16.32 -23.54 -2.20
C THR B 192 14.82 -23.38 -2.45
N ILE B 193 14.45 -22.24 -3.04
CA ILE B 193 13.08 -21.92 -3.36
C ILE B 193 12.83 -22.05 -4.86
N ILE B 194 11.84 -22.84 -5.24
CA ILE B 194 11.46 -22.90 -6.63
C ILE B 194 10.02 -22.46 -6.79
N ILE B 195 9.79 -21.46 -7.63
CA ILE B 195 8.45 -21.02 -7.94
C ILE B 195 8.17 -21.34 -9.41
N THR B 196 7.09 -22.05 -9.68
CA THR B 196 6.79 -22.54 -11.03
C THR B 196 5.39 -22.14 -11.43
N ARG B 197 5.24 -21.53 -12.61
CA ARG B 197 3.91 -21.19 -13.09
C ARG B 197 3.26 -22.37 -13.79
N THR B 198 2.10 -22.78 -13.28
CA THR B 198 1.35 -23.90 -13.83
C THR B 198 -0.10 -23.51 -14.10
N ASN B 199 -0.85 -24.42 -14.71
CA ASN B 199 -2.27 -24.21 -14.99
C ASN B 199 -3.09 -24.02 -13.73
N MET B 200 -2.54 -24.48 -12.60
CA MET B 200 -3.21 -24.36 -11.31
C MET B 200 -2.78 -23.10 -10.57
N GLY B 201 -1.87 -22.32 -11.16
CA GLY B 201 -1.31 -21.17 -10.50
C GLY B 201 0.15 -21.38 -10.16
N PHE B 202 0.62 -20.66 -9.15
CA PHE B 202 2.04 -20.71 -8.81
C PHE B 202 2.36 -21.81 -7.80
N LEU B 203 2.96 -22.88 -8.29
CA LEU B 203 3.45 -23.94 -7.42
C LEU B 203 4.72 -23.44 -6.74
N VAL B 204 4.77 -23.54 -5.42
CA VAL B 204 5.91 -23.02 -4.67
C VAL B 204 6.54 -24.12 -3.81
N GLU B 205 7.86 -24.29 -3.90
CA GLU B 205 8.51 -25.33 -3.11
C GLU B 205 9.82 -24.90 -2.46
N VAL B 206 10.05 -25.41 -1.24
CA VAL B 206 11.25 -25.12 -0.50
C VAL B 206 11.96 -26.42 -0.12
N GLN B 207 13.25 -26.49 -0.47
CA GLN B 207 14.09 -27.67 -0.26
C GLN B 207 15.41 -27.31 0.42
N GLU B 208 16.33 -28.26 0.45
CA GLU B 208 17.64 -28.06 1.08
C GLU B 208 18.60 -27.25 0.19
N PRO B 221 13.77 -34.08 2.04
CA PRO B 221 12.53 -33.43 2.47
C PRO B 221 12.16 -32.27 1.54
N VAL B 222 10.89 -31.88 1.55
CA VAL B 222 10.42 -30.78 0.72
C VAL B 222 9.08 -30.24 1.20
N LYS B 223 8.94 -28.92 1.22
CA LYS B 223 7.65 -28.33 1.55
C LYS B 223 7.10 -27.63 0.33
N PHE B 224 5.80 -27.74 0.07
CA PHE B 224 5.25 -27.08 -1.10
C PHE B 224 3.78 -26.68 -0.96
N SER B 225 3.38 -25.71 -1.76
CA SER B 225 2.00 -25.23 -1.75
C SER B 225 1.70 -24.59 -3.08
N LEU B 226 0.51 -24.01 -3.19
CA LEU B 226 0.04 -23.40 -4.43
C LEU B 226 -0.57 -22.04 -4.15
N LEU B 227 -0.19 -21.03 -4.94
CA LEU B 227 -0.82 -19.71 -4.84
C LEU B 227 -1.56 -19.38 -6.14
N HIS B 228 -2.88 -19.20 -6.07
CA HIS B 228 -3.68 -18.86 -7.26
CA HIS B 228 -3.62 -18.89 -7.28
C HIS B 228 -3.21 -17.54 -7.85
N GLU B 229 -3.25 -17.43 -9.17
CA GLU B 229 -2.82 -16.24 -9.89
C GLU B 229 -3.57 -14.98 -9.48
N SER B 230 -4.82 -15.15 -9.04
CA SER B 230 -5.64 -14.04 -8.58
C SER B 230 -4.90 -13.19 -7.54
N ALA B 231 -4.07 -13.82 -6.71
CA ALA B 231 -3.38 -13.07 -5.66
C ALA B 231 -2.56 -11.90 -6.24
N PHE B 232 -2.10 -12.05 -7.47
CA PHE B 232 -1.22 -11.04 -8.05
C PHE B 232 -1.90 -10.19 -9.11
N LYS B 233 -3.19 -10.49 -9.34
CA LYS B 233 -3.92 -9.79 -10.40
C LYS B 233 -3.88 -8.27 -10.26
N PRO B 234 -4.10 -7.72 -9.04
CA PRO B 234 -4.00 -6.28 -8.84
C PRO B 234 -2.67 -5.63 -9.28
N PHE B 235 -1.58 -6.39 -9.31
CA PHE B 235 -0.29 -5.80 -9.62
C PHE B 235 0.10 -5.94 -11.10
N THR B 236 -0.74 -6.63 -11.85
CA THR B 236 -0.55 -6.80 -13.30
C THR B 236 -1.76 -6.28 -14.09
#